data_1EXB
#
_entry.id   1EXB
#
_cell.length_a   100.725
_cell.length_b   100.725
_cell.length_c   110.901
_cell.angle_alpha   90
_cell.angle_beta   90
_cell.angle_gamma   90
#
_symmetry.space_group_name_H-M   'P 4 21 2'
#
loop_
_entity.id
_entity.type
_entity.pdbx_description
1 polymer 'KV BETA2 PROTEIN'
2 polymer 'POTASSIUM CHANNEL KV1.1'
3 non-polymer 'NADPH DIHYDRO-NICOTINAMIDE-ADENINE-DINUCLEOTIDE PHOSPHATE'
4 water water
#
loop_
_entity_poly.entity_id
_entity_poly.type
_entity_poly.pdbx_seq_one_letter_code
_entity_poly.pdbx_strand_id
1 'polypeptide(L)'
;LQFYRNLGKSGLRVSCLGLGTWVTFGGQITDEMAEHLMTLAYDNGINLFDTAEVYAAGKAEVVLGNIIKKKGWRRSSLVI
TTKIFWGGKAETERGLSRKHIIEGLKASLERLQLEYVDVVFANRPDPNTPMEETVRAMTHVINQGMAMYWGTSRWSSMEI
MEAYSVARQFNLIPPICEQAEYHMFQREKVEVQLPELFHKIGVGAMTWSPLACGIVSGKYDSGIPPYSRASLKGYQWLKD
KILSEEGRRQQAKLKELQAIAERLGCTLPQLAIAWCLRNEGVSSVLLGASNAEQLMENIGAIQVLPKLSSSIVHEIDSIL
GNKPYSKKDYRS
;
A
2 'polypeptide(L)'
;QADHDDHECCERVVINISGLRFETQLKTLAQFPNTLLGNPKKRMRYFDPLRNEYFFDRNRPSFDAILYYYQSGGRLRRPV
NVPLDMFSEEIKFYELGEEAMEK
;
E
#
# COMPACT_ATOMS: atom_id res chain seq x y z
N LEU A 1 3.71 4.48 18.62
CA LEU A 1 4.19 5.58 19.49
C LEU A 1 3.74 6.94 19.00
N GLN A 2 3.65 7.08 17.68
CA GLN A 2 3.23 8.34 17.10
C GLN A 2 1.88 8.10 16.44
N PHE A 3 0.81 8.47 17.13
CA PHE A 3 -0.56 8.28 16.67
C PHE A 3 -0.83 8.79 15.26
N TYR A 4 -0.40 10.03 14.99
CA TYR A 4 -0.58 10.57 13.65
C TYR A 4 0.77 10.52 12.94
N ARG A 5 0.74 10.23 11.65
CA ARG A 5 1.96 10.15 10.86
C ARG A 5 1.63 10.51 9.42
N ASN A 6 2.68 10.78 8.63
CA ASN A 6 2.47 11.12 7.23
C ASN A 6 2.12 9.86 6.45
N LEU A 7 1.30 10.01 5.41
CA LEU A 7 0.93 8.87 4.57
C LEU A 7 2.06 8.77 3.56
N GLY A 8 2.98 7.83 3.77
CA GLY A 8 4.10 7.72 2.87
C GLY A 8 4.88 9.00 3.08
N LYS A 9 5.49 9.53 2.01
CA LYS A 9 6.24 10.77 2.15
C LYS A 9 5.40 12.01 1.81
N SER A 10 4.11 11.81 1.57
CA SER A 10 3.25 12.94 1.25
C SER A 10 3.05 13.81 2.50
N GLY A 11 2.38 14.95 2.33
CA GLY A 11 2.15 15.84 3.45
C GLY A 11 0.86 15.52 4.18
N LEU A 12 0.11 14.54 3.69
CA LEU A 12 -1.16 14.16 4.32
C LEU A 12 -0.93 13.35 5.62
N ARG A 13 -1.44 13.89 6.72
CA ARG A 13 -1.31 13.28 8.05
C ARG A 13 -2.53 12.45 8.44
N VAL A 14 -2.32 11.17 8.69
CA VAL A 14 -3.40 10.27 9.06
C VAL A 14 -3.16 9.62 10.41
N SER A 15 -4.24 9.15 11.03
CA SER A 15 -4.16 8.46 12.30
C SER A 15 -3.69 7.04 11.98
N CYS A 16 -2.93 6.42 12.89
CA CYS A 16 -2.40 5.07 12.68
C CYS A 16 -3.48 4.02 12.47
N LEU A 17 -4.71 4.36 12.85
CA LEU A 17 -5.84 3.47 12.66
C LEU A 17 -6.89 4.23 11.86
N GLY A 18 -7.60 3.53 11.01
CA GLY A 18 -8.63 4.15 10.22
C GLY A 18 -9.86 3.27 10.32
N LEU A 19 -11.00 3.75 9.84
CA LEU A 19 -12.22 2.95 9.88
C LEU A 19 -12.78 2.78 8.48
N GLY A 20 -12.91 1.53 8.06
CA GLY A 20 -13.44 1.25 6.74
C GLY A 20 -14.93 0.97 6.77
N THR A 21 -15.51 0.85 5.59
CA THR A 21 -16.95 0.65 5.45
C THR A 21 -17.38 -0.57 4.65
N TRP A 22 -16.43 -1.44 4.31
CA TRP A 22 -16.76 -2.63 3.54
C TRP A 22 -17.64 -3.56 4.39
N VAL A 23 -18.62 -4.18 3.73
CA VAL A 23 -19.55 -5.12 4.37
C VAL A 23 -20.58 -4.48 5.31
N THR A 24 -20.11 -3.64 6.23
CA THR A 24 -20.97 -3.01 7.21
C THR A 24 -21.87 -1.85 6.75
N PHE A 25 -21.29 -0.68 6.48
CA PHE A 25 -22.06 0.48 6.06
C PHE A 25 -23.04 0.23 4.91
N GLY A 26 -24.30 0.56 5.15
CA GLY A 26 -25.33 0.36 4.15
C GLY A 26 -25.57 -1.10 3.82
N GLY A 27 -25.04 -1.98 4.66
CA GLY A 27 -25.20 -3.40 4.42
C GLY A 27 -25.56 -4.19 5.67
N GLN A 28 -24.54 -4.72 6.34
CA GLN A 28 -24.72 -5.51 7.55
C GLN A 28 -25.24 -4.76 8.77
N ILE A 29 -24.74 -3.56 9.02
CA ILE A 29 -25.20 -2.79 10.17
C ILE A 29 -26.17 -1.68 9.78
N THR A 30 -26.82 -1.11 10.79
CA THR A 30 -27.79 -0.04 10.53
C THR A 30 -27.12 1.33 10.51
N ASP A 31 -27.79 2.29 9.88
CA ASP A 31 -27.27 3.64 9.81
C ASP A 31 -27.02 4.17 11.23
N GLU A 32 -27.87 3.76 12.17
CA GLU A 32 -27.70 4.18 13.57
C GLU A 32 -26.39 3.66 14.14
N MET A 33 -26.07 2.40 13.85
CA MET A 33 -24.84 1.79 14.32
C MET A 33 -23.66 2.45 13.61
N ALA A 34 -23.80 2.67 12.31
CA ALA A 34 -22.76 3.31 11.51
C ALA A 34 -22.37 4.66 12.10
N GLU A 35 -23.37 5.47 12.39
CA GLU A 35 -23.16 6.80 12.98
C GLU A 35 -22.42 6.68 14.30
N HIS A 36 -22.86 5.73 15.13
CA HIS A 36 -22.26 5.51 16.43
C HIS A 36 -20.79 5.10 16.28
N LEU A 37 -20.53 4.16 15.38
CA LEU A 37 -19.15 3.71 15.15
C LEU A 37 -18.24 4.84 14.69
N MET A 38 -18.69 5.61 13.70
CA MET A 38 -17.90 6.71 13.18
C MET A 38 -17.67 7.78 14.23
N THR A 39 -18.69 8.03 15.04
CA THR A 39 -18.57 9.04 16.09
C THR A 39 -17.52 8.63 17.11
N LEU A 40 -17.55 7.37 17.52
CA LEU A 40 -16.57 6.86 18.50
C LEU A 40 -15.16 6.95 17.92
N ALA A 41 -15.02 6.59 16.65
CA ALA A 41 -13.71 6.64 15.99
C ALA A 41 -13.20 8.08 15.99
N TYR A 42 -14.03 8.99 15.49
CA TYR A 42 -13.66 10.40 15.41
C TYR A 42 -13.28 10.99 16.76
N ASP A 43 -14.11 10.77 17.78
CA ASP A 43 -13.82 11.31 19.11
C ASP A 43 -12.55 10.71 19.70
N ASN A 44 -12.16 9.54 19.20
CA ASN A 44 -10.96 8.88 19.66
C ASN A 44 -9.73 9.23 18.81
N GLY A 45 -9.86 10.26 17.99
CA GLY A 45 -8.74 10.71 17.19
C GLY A 45 -8.58 10.21 15.77
N ILE A 46 -9.39 9.24 15.36
CA ILE A 46 -9.29 8.70 14.01
C ILE A 46 -9.83 9.71 13.00
N ASN A 47 -9.03 10.06 11.99
CA ASN A 47 -9.45 11.02 10.99
C ASN A 47 -9.57 10.37 9.61
N LEU A 48 -9.18 9.09 9.54
CA LEU A 48 -9.20 8.36 8.28
C LEU A 48 -10.42 7.44 8.09
N PHE A 49 -11.18 7.67 7.02
CA PHE A 49 -12.34 6.83 6.74
C PHE A 49 -12.31 6.39 5.29
N ASP A 50 -12.40 5.08 5.08
CA ASP A 50 -12.32 4.50 3.75
C ASP A 50 -13.61 3.86 3.26
N THR A 51 -13.86 4.00 1.96
CA THR A 51 -15.05 3.42 1.35
C THR A 51 -14.77 3.15 -0.13
N ALA A 52 -15.79 2.81 -0.91
CA ALA A 52 -15.60 2.52 -2.33
C ALA A 52 -16.93 2.55 -3.06
N GLU A 53 -16.89 2.87 -4.35
CA GLU A 53 -18.11 2.94 -5.14
C GLU A 53 -18.87 1.63 -5.15
N VAL A 54 -18.14 0.52 -5.11
CA VAL A 54 -18.75 -0.80 -5.15
C VAL A 54 -19.40 -1.28 -3.85
N TYR A 55 -18.96 -0.77 -2.70
CA TYR A 55 -19.52 -1.24 -1.43
C TYR A 55 -21.02 -1.02 -1.29
N ALA A 56 -21.77 -2.13 -1.16
CA ALA A 56 -23.22 -2.07 -1.02
C ALA A 56 -23.82 -1.28 -2.18
N ALA A 57 -23.22 -1.45 -3.35
CA ALA A 57 -23.66 -0.79 -4.57
C ALA A 57 -23.87 0.71 -4.39
N GLY A 58 -22.92 1.36 -3.72
CA GLY A 58 -23.00 2.80 -3.51
C GLY A 58 -23.59 3.25 -2.20
N LYS A 59 -24.36 2.38 -1.54
CA LYS A 59 -25.00 2.75 -0.28
C LYS A 59 -24.01 3.06 0.85
N ALA A 60 -22.86 2.40 0.86
CA ALA A 60 -21.88 2.66 1.90
C ALA A 60 -21.49 4.14 1.86
N GLU A 61 -21.32 4.67 0.65
CA GLU A 61 -20.95 6.07 0.47
C GLU A 61 -22.06 7.02 0.92
N VAL A 62 -23.30 6.65 0.64
CA VAL A 62 -24.44 7.47 1.04
C VAL A 62 -24.51 7.58 2.56
N VAL A 63 -24.35 6.46 3.26
CA VAL A 63 -24.40 6.47 4.71
C VAL A 63 -23.25 7.26 5.33
N LEU A 64 -22.04 7.10 4.78
CA LEU A 64 -20.89 7.83 5.28
C LEU A 64 -21.16 9.33 5.13
N GLY A 65 -21.60 9.72 3.94
CA GLY A 65 -21.89 11.13 3.68
C GLY A 65 -22.96 11.70 4.60
N ASN A 66 -23.97 10.91 4.92
CA ASN A 66 -25.05 11.37 5.80
C ASN A 66 -24.56 11.63 7.21
N ILE A 67 -23.72 10.74 7.70
CA ILE A 67 -23.18 10.89 9.05
C ILE A 67 -22.34 12.16 9.15
N ILE A 68 -21.45 12.35 8.19
CA ILE A 68 -20.58 13.53 8.19
C ILE A 68 -21.40 14.81 8.22
N LYS A 69 -22.41 14.88 7.36
CA LYS A 69 -23.26 16.06 7.29
C LYS A 69 -24.13 16.19 8.55
N LYS A 70 -24.59 15.06 9.09
CA LYS A 70 -25.42 15.08 10.29
C LYS A 70 -24.61 15.55 11.50
N LYS A 71 -23.39 15.04 11.64
CA LYS A 71 -22.53 15.40 12.76
C LYS A 71 -21.96 16.79 12.62
N GLY A 72 -21.86 17.27 11.38
CA GLY A 72 -21.35 18.60 11.13
C GLY A 72 -19.86 18.79 11.36
N TRP A 73 -19.08 17.71 11.32
CA TRP A 73 -17.64 17.83 11.52
C TRP A 73 -17.00 18.70 10.42
N ARG A 74 -15.95 19.44 10.77
CA ARG A 74 -15.27 20.28 9.80
C ARG A 74 -14.62 19.38 8.74
N ARG A 75 -14.89 19.65 7.47
CA ARG A 75 -14.32 18.83 6.40
C ARG A 75 -12.80 18.74 6.50
N SER A 76 -12.17 19.83 6.91
CA SER A 76 -10.71 19.90 7.04
C SER A 76 -10.14 19.02 8.15
N SER A 77 -11.00 18.41 8.95
CA SER A 77 -10.53 17.55 10.04
C SER A 77 -10.68 16.09 9.66
N LEU A 78 -11.19 15.85 8.45
CA LEU A 78 -11.44 14.50 7.97
C LEU A 78 -10.59 14.14 6.75
N VAL A 79 -10.16 12.88 6.71
CA VAL A 79 -9.39 12.35 5.57
C VAL A 79 -10.26 11.25 5.01
N ILE A 80 -11.01 11.57 3.97
CA ILE A 80 -11.94 10.63 3.34
C ILE A 80 -11.31 10.00 2.09
N THR A 81 -11.37 8.67 2.00
CA THR A 81 -10.83 7.98 0.84
C THR A 81 -11.86 7.04 0.20
N THR A 82 -11.84 6.96 -1.12
CA THR A 82 -12.76 6.06 -1.81
C THR A 82 -12.02 5.39 -2.96
N LYS A 83 -12.49 4.22 -3.37
CA LYS A 83 -11.86 3.48 -4.45
C LYS A 83 -12.73 3.33 -5.67
N ILE A 84 -12.10 3.41 -6.83
CA ILE A 84 -12.81 3.31 -8.09
C ILE A 84 -12.37 2.12 -8.95
N PHE A 85 -13.36 1.43 -9.51
CA PHE A 85 -13.14 0.33 -10.43
C PHE A 85 -14.45 -0.30 -10.85
N TRP A 86 -15.23 -0.77 -9.88
CA TRP A 86 -16.52 -1.41 -10.16
C TRP A 86 -17.65 -0.43 -9.85
N GLY A 87 -18.24 0.13 -10.89
CA GLY A 87 -19.32 1.09 -10.67
C GLY A 87 -20.62 0.88 -11.42
N GLY A 88 -20.91 -0.34 -11.86
CA GLY A 88 -22.14 -0.58 -12.59
C GLY A 88 -22.07 -1.80 -13.49
N LYS A 89 -23.20 -2.15 -14.10
CA LYS A 89 -23.26 -3.32 -14.97
C LYS A 89 -22.85 -3.06 -16.42
N ALA A 90 -22.95 -1.80 -16.87
CA ALA A 90 -22.59 -1.48 -18.25
C ALA A 90 -21.11 -1.71 -18.50
N GLU A 91 -20.78 -2.02 -19.74
CA GLU A 91 -19.39 -2.27 -20.14
C GLU A 91 -18.48 -1.11 -19.75
N THR A 92 -18.95 0.12 -19.91
CA THR A 92 -18.14 1.29 -19.59
C THR A 92 -18.22 1.79 -18.14
N GLU A 93 -18.85 1.02 -17.25
CA GLU A 93 -18.97 1.45 -15.86
C GLU A 93 -17.95 0.77 -14.95
N ARG A 94 -16.92 0.17 -15.55
CA ARG A 94 -15.86 -0.48 -14.77
C ARG A 94 -14.50 -0.18 -15.38
N GLY A 95 -13.45 -0.25 -14.56
CA GLY A 95 -12.12 -0.02 -15.07
C GLY A 95 -11.46 1.28 -14.66
N LEU A 96 -10.31 1.55 -15.26
CA LEU A 96 -9.55 2.75 -14.96
C LEU A 96 -9.37 3.65 -16.18
N SER A 97 -10.37 3.65 -17.06
CA SER A 97 -10.32 4.49 -18.26
C SER A 97 -10.56 5.92 -17.78
N ARG A 98 -10.22 6.90 -18.60
CA ARG A 98 -10.46 8.29 -18.22
C ARG A 98 -11.96 8.44 -17.96
N LYS A 99 -12.76 7.87 -18.86
CA LYS A 99 -14.22 7.98 -18.73
C LYS A 99 -14.75 7.49 -17.39
N HIS A 100 -14.34 6.31 -16.94
CA HIS A 100 -14.86 5.83 -15.67
C HIS A 100 -14.26 6.45 -14.42
N ILE A 101 -12.99 6.83 -14.48
CA ILE A 101 -12.39 7.47 -13.32
C ILE A 101 -13.14 8.77 -13.04
N ILE A 102 -13.41 9.53 -14.10
CA ILE A 102 -14.13 10.79 -13.94
C ILE A 102 -15.59 10.57 -13.56
N GLU A 103 -16.30 9.72 -14.29
CA GLU A 103 -17.71 9.46 -14.00
C GLU A 103 -17.86 8.75 -12.66
N GLY A 104 -16.96 7.80 -12.39
CA GLY A 104 -17.02 7.07 -11.14
C GLY A 104 -16.83 7.95 -9.93
N LEU A 105 -15.77 8.75 -9.92
CA LEU A 105 -15.51 9.63 -8.79
C LEU A 105 -16.60 10.67 -8.63
N LYS A 106 -17.03 11.27 -9.75
CA LYS A 106 -18.08 12.27 -9.69
C LYS A 106 -19.33 11.70 -9.01
N ALA A 107 -19.68 10.46 -9.35
CA ALA A 107 -20.85 9.80 -8.78
C ALA A 107 -20.67 9.52 -7.30
N SER A 108 -19.45 9.13 -6.91
CA SER A 108 -19.17 8.84 -5.50
C SER A 108 -19.27 10.12 -4.69
N LEU A 109 -18.72 11.20 -5.22
CA LEU A 109 -18.75 12.49 -4.52
C LEU A 109 -20.21 12.93 -4.33
N GLU A 110 -21.04 12.66 -5.33
CA GLU A 110 -22.45 13.02 -5.26
C GLU A 110 -23.10 12.20 -4.12
N ARG A 111 -22.85 10.88 -4.07
CA ARG A 111 -23.41 10.04 -3.01
C ARG A 111 -22.89 10.46 -1.64
N LEU A 112 -21.62 10.84 -1.58
CA LEU A 112 -20.98 11.25 -0.32
C LEU A 112 -21.37 12.67 0.09
N GLN A 113 -22.00 13.40 -0.83
CA GLN A 113 -22.39 14.79 -0.57
C GLN A 113 -21.14 15.60 -0.26
N LEU A 114 -20.05 15.32 -0.97
CA LEU A 114 -18.80 16.02 -0.76
C LEU A 114 -18.25 16.63 -2.05
N GLU A 115 -17.48 17.70 -1.90
CA GLU A 115 -16.88 18.36 -3.06
C GLU A 115 -15.65 17.59 -3.55
N TYR A 116 -15.01 16.86 -2.63
CA TYR A 116 -13.81 16.11 -2.97
C TYR A 116 -13.44 15.09 -1.90
N VAL A 117 -12.64 14.10 -2.29
CA VAL A 117 -12.14 13.12 -1.34
C VAL A 117 -10.68 13.49 -1.18
N ASP A 118 -10.05 13.05 -0.09
CA ASP A 118 -8.65 13.35 0.13
C ASP A 118 -7.77 12.44 -0.71
N VAL A 119 -8.20 11.19 -0.87
CA VAL A 119 -7.45 10.25 -1.67
C VAL A 119 -8.39 9.35 -2.48
N VAL A 120 -8.19 9.32 -3.79
CA VAL A 120 -8.98 8.43 -4.64
C VAL A 120 -8.02 7.30 -5.04
N PHE A 121 -8.45 6.05 -4.88
CA PHE A 121 -7.62 4.90 -5.22
C PHE A 121 -8.19 4.11 -6.39
N ALA A 122 -7.31 3.47 -7.15
CA ALA A 122 -7.73 2.59 -8.23
C ALA A 122 -7.90 1.32 -7.39
N ASN A 123 -9.10 0.74 -7.35
CA ASN A 123 -9.33 -0.43 -6.51
C ASN A 123 -8.55 -1.69 -6.89
N ARG A 124 -8.05 -1.71 -8.12
CA ARG A 124 -7.25 -2.82 -8.63
C ARG A 124 -6.69 -2.40 -9.99
N PRO A 125 -5.72 -3.17 -10.52
CA PRO A 125 -5.11 -2.86 -11.82
C PRO A 125 -6.11 -3.04 -12.96
N ASP A 126 -5.91 -2.30 -14.05
CA ASP A 126 -6.80 -2.43 -15.21
C ASP A 126 -5.99 -2.84 -16.44
N PRO A 127 -6.06 -4.13 -16.81
CA PRO A 127 -5.33 -4.65 -17.97
C PRO A 127 -5.82 -4.08 -19.29
N ASN A 128 -7.01 -3.49 -19.27
CA ASN A 128 -7.60 -2.92 -20.49
C ASN A 128 -7.35 -1.43 -20.74
N THR A 129 -6.61 -0.76 -19.85
CA THR A 129 -6.36 0.67 -20.02
C THR A 129 -4.88 1.02 -19.92
N PRO A 130 -4.35 1.79 -20.88
CA PRO A 130 -2.94 2.19 -20.86
C PRO A 130 -2.63 2.98 -19.60
N MET A 131 -1.48 2.70 -18.99
CA MET A 131 -1.08 3.39 -17.77
C MET A 131 -1.16 4.90 -17.94
N GLU A 132 -0.64 5.40 -19.07
CA GLU A 132 -0.66 6.83 -19.33
C GLU A 132 -2.06 7.40 -19.15
N GLU A 133 -3.06 6.74 -19.74
CA GLU A 133 -4.43 7.20 -19.63
C GLU A 133 -4.88 7.29 -18.17
N THR A 134 -4.59 6.24 -17.40
CA THR A 134 -4.97 6.21 -16.00
C THR A 134 -4.29 7.31 -15.21
N VAL A 135 -3.00 7.51 -15.44
CA VAL A 135 -2.28 8.55 -14.72
C VAL A 135 -2.77 9.93 -15.11
N ARG A 136 -3.09 10.13 -16.39
CA ARG A 136 -3.58 11.45 -16.80
C ARG A 136 -4.95 11.71 -16.21
N ALA A 137 -5.73 10.65 -15.99
CA ALA A 137 -7.07 10.82 -15.43
C ALA A 137 -7.04 11.13 -13.94
N MET A 138 -6.15 10.49 -13.20
CA MET A 138 -6.02 10.73 -11.76
C MET A 138 -5.51 12.15 -11.53
N THR A 139 -4.59 12.58 -12.39
CA THR A 139 -4.02 13.90 -12.30
C THR A 139 -5.09 14.94 -12.63
N HIS A 140 -5.94 14.61 -13.60
CA HIS A 140 -7.04 15.48 -14.00
C HIS A 140 -8.02 15.73 -12.85
N VAL A 141 -8.55 14.67 -12.24
CA VAL A 141 -9.51 14.87 -11.16
C VAL A 141 -8.88 15.61 -9.99
N ILE A 142 -7.57 15.46 -9.80
CA ILE A 142 -6.90 16.17 -8.73
C ILE A 142 -6.86 17.66 -9.10
N ASN A 143 -6.47 17.94 -10.35
CA ASN A 143 -6.43 19.33 -10.81
C ASN A 143 -7.80 19.98 -10.88
N GLN A 144 -8.86 19.17 -10.93
CA GLN A 144 -10.22 19.70 -10.96
C GLN A 144 -10.74 19.87 -9.54
N GLY A 145 -9.92 19.50 -8.55
CA GLY A 145 -10.32 19.62 -7.16
C GLY A 145 -11.35 18.60 -6.70
N MET A 146 -11.33 17.41 -7.31
CA MET A 146 -12.26 16.35 -6.93
C MET A 146 -11.55 15.42 -5.97
N ALA A 147 -10.24 15.55 -5.91
CA ALA A 147 -9.41 14.75 -5.03
C ALA A 147 -8.11 15.50 -4.74
N MET A 148 -7.53 15.26 -3.58
CA MET A 148 -6.28 15.90 -3.18
C MET A 148 -5.08 15.06 -3.63
N TYR A 149 -5.21 13.74 -3.53
CA TYR A 149 -4.16 12.81 -3.92
C TYR A 149 -4.77 11.53 -4.48
N TRP A 150 -3.94 10.69 -5.09
CA TRP A 150 -4.46 9.42 -5.58
C TRP A 150 -3.49 8.30 -5.24
N GLY A 151 -4.03 7.09 -5.19
CA GLY A 151 -3.21 5.95 -4.85
C GLY A 151 -3.63 4.71 -5.61
N THR A 152 -3.02 3.59 -5.27
CA THR A 152 -3.30 2.33 -5.93
C THR A 152 -3.71 1.28 -4.91
N SER A 153 -4.34 0.21 -5.39
CA SER A 153 -4.75 -0.88 -4.50
C SER A 153 -4.66 -2.19 -5.26
N ARG A 154 -3.98 -3.16 -4.67
CA ARG A 154 -3.79 -4.47 -5.27
C ARG A 154 -2.89 -4.42 -6.51
N TRP A 155 -2.04 -3.40 -6.58
CA TRP A 155 -1.10 -3.24 -7.70
C TRP A 155 0.24 -3.86 -7.35
N SER A 156 0.94 -4.41 -8.34
CA SER A 156 2.25 -4.99 -8.10
C SER A 156 3.25 -3.84 -7.98
N SER A 157 4.42 -4.12 -7.41
CA SER A 157 5.45 -3.11 -7.26
C SER A 157 5.81 -2.57 -8.63
N MET A 158 5.89 -3.47 -9.61
CA MET A 158 6.24 -3.10 -10.98
C MET A 158 5.21 -2.13 -11.57
N GLU A 159 3.93 -2.39 -11.28
CA GLU A 159 2.86 -1.52 -11.76
C GLU A 159 2.90 -0.15 -11.10
N ILE A 160 3.22 -0.11 -9.82
CA ILE A 160 3.30 1.15 -9.09
C ILE A 160 4.46 1.98 -9.62
N MET A 161 5.62 1.35 -9.82
CA MET A 161 6.78 2.06 -10.34
C MET A 161 6.45 2.60 -11.73
N GLU A 162 5.69 1.83 -12.51
CA GLU A 162 5.33 2.27 -13.86
C GLU A 162 4.47 3.53 -13.77
N ALA A 163 3.52 3.55 -12.84
CA ALA A 163 2.65 4.72 -12.67
C ALA A 163 3.53 5.92 -12.35
N TYR A 164 4.47 5.72 -11.44
CA TYR A 164 5.41 6.75 -11.04
C TYR A 164 6.27 7.20 -12.23
N SER A 165 6.76 6.25 -13.01
CA SER A 165 7.61 6.56 -14.17
C SER A 165 6.87 7.37 -15.22
N VAL A 166 5.63 6.96 -15.53
CA VAL A 166 4.82 7.68 -16.51
C VAL A 166 4.54 9.10 -15.99
N ALA A 167 4.25 9.23 -14.71
CA ALA A 167 4.01 10.54 -14.14
C ALA A 167 5.21 11.46 -14.33
N ARG A 168 6.41 10.98 -13.99
CA ARG A 168 7.60 11.82 -14.16
C ARG A 168 7.84 12.10 -15.64
N GLN A 169 7.54 11.12 -16.47
CA GLN A 169 7.71 11.24 -17.93
C GLN A 169 6.89 12.41 -18.51
N PHE A 170 5.62 12.48 -18.13
CA PHE A 170 4.74 13.53 -18.65
C PHE A 170 4.44 14.64 -17.66
N ASN A 171 5.24 14.72 -16.60
CA ASN A 171 5.04 15.71 -15.54
C ASN A 171 3.60 15.76 -15.04
N LEU A 172 3.10 14.61 -14.58
CA LEU A 172 1.76 14.50 -14.03
C LEU A 172 1.94 14.28 -12.53
N ILE A 173 0.98 13.64 -11.88
CA ILE A 173 1.09 13.41 -10.44
C ILE A 173 1.25 11.95 -10.07
N PRO A 174 2.37 11.58 -9.42
CA PRO A 174 2.61 10.19 -9.01
C PRO A 174 1.64 9.79 -7.90
N PRO A 175 1.44 8.48 -7.69
CA PRO A 175 0.53 8.00 -6.64
C PRO A 175 1.29 8.18 -5.33
N ILE A 176 0.58 8.33 -4.21
CA ILE A 176 1.26 8.49 -2.92
C ILE A 176 1.02 7.32 -1.97
N CYS A 177 0.16 6.38 -2.35
CA CYS A 177 -0.15 5.27 -1.47
C CYS A 177 -0.69 4.02 -2.15
N GLU A 178 -0.41 2.87 -1.55
CA GLU A 178 -0.89 1.58 -2.03
C GLU A 178 -1.67 0.99 -0.86
N GLN A 179 -2.91 0.61 -1.10
CA GLN A 179 -3.73 0.02 -0.04
C GLN A 179 -3.57 -1.49 -0.23
N ALA A 180 -2.86 -2.12 0.71
CA ALA A 180 -2.61 -3.55 0.60
C ALA A 180 -3.10 -4.38 1.78
N GLU A 181 -3.47 -5.63 1.51
CA GLU A 181 -3.94 -6.51 2.56
C GLU A 181 -2.74 -6.82 3.46
N TYR A 182 -2.96 -6.81 4.76
CA TYR A 182 -1.89 -7.11 5.70
C TYR A 182 -2.45 -7.64 7.01
N HIS A 183 -1.98 -8.82 7.38
CA HIS A 183 -2.38 -9.46 8.63
C HIS A 183 -1.42 -10.61 8.86
N MET A 184 -1.51 -11.27 10.00
CA MET A 184 -0.57 -12.36 10.29
C MET A 184 -0.44 -13.47 9.25
N PHE A 185 -1.44 -13.64 8.39
CA PHE A 185 -1.37 -14.68 7.37
C PHE A 185 -1.18 -14.20 5.93
N GLN A 186 -0.87 -12.91 5.76
CA GLN A 186 -0.66 -12.31 4.44
C GLN A 186 0.38 -11.22 4.72
N ARG A 187 1.66 -11.56 4.57
CA ARG A 187 2.74 -10.66 4.93
C ARG A 187 3.76 -10.18 3.90
N GLU A 188 4.01 -11.01 2.89
CA GLU A 188 5.03 -10.73 1.89
C GLU A 188 5.06 -9.34 1.25
N LYS A 189 3.97 -8.94 0.61
CA LYS A 189 3.93 -7.64 -0.06
C LYS A 189 4.24 -6.45 0.83
N VAL A 190 3.58 -6.36 1.97
CA VAL A 190 3.80 -5.25 2.89
C VAL A 190 5.19 -5.25 3.56
N GLU A 191 5.70 -6.42 3.90
CA GLU A 191 7.00 -6.51 4.56
C GLU A 191 8.24 -6.51 3.67
N VAL A 192 8.12 -7.06 2.47
CA VAL A 192 9.27 -7.15 1.58
C VAL A 192 9.27 -6.19 0.40
N GLN A 193 8.13 -6.05 -0.27
CA GLN A 193 8.06 -5.19 -1.44
C GLN A 193 7.77 -3.71 -1.22
N LEU A 194 6.79 -3.38 -0.39
CA LEU A 194 6.44 -1.98 -0.20
C LEU A 194 7.50 -1.08 0.40
N PRO A 195 8.31 -1.59 1.35
CA PRO A 195 9.35 -0.73 1.96
C PRO A 195 10.30 -0.14 0.92
N GLU A 196 10.62 -0.95 -0.09
CA GLU A 196 11.53 -0.50 -1.14
C GLU A 196 10.93 0.68 -1.90
N LEU A 197 9.63 0.62 -2.17
CA LEU A 197 8.97 1.70 -2.88
C LEU A 197 8.86 2.93 -1.99
N PHE A 198 8.76 2.72 -0.67
CA PHE A 198 8.68 3.86 0.24
C PHE A 198 9.97 4.69 0.18
N HIS A 199 11.10 4.04 0.42
CA HIS A 199 12.39 4.71 0.41
C HIS A 199 12.76 5.27 -0.96
N LYS A 200 12.40 4.54 -2.01
CA LYS A 200 12.73 4.96 -3.36
C LYS A 200 11.84 6.06 -3.93
N ILE A 201 10.53 5.84 -3.98
CA ILE A 201 9.64 6.85 -4.53
C ILE A 201 8.60 7.43 -3.56
N GLY A 202 8.80 7.20 -2.26
CA GLY A 202 7.90 7.74 -1.25
C GLY A 202 6.48 7.23 -1.11
N VAL A 203 6.14 6.12 -1.76
CA VAL A 203 4.79 5.58 -1.68
C VAL A 203 4.53 4.95 -0.30
N GLY A 204 3.44 5.36 0.33
CA GLY A 204 3.13 4.83 1.64
C GLY A 204 2.26 3.59 1.59
N ALA A 205 2.15 2.89 2.72
CA ALA A 205 1.35 1.68 2.79
C ALA A 205 0.18 1.86 3.75
N MET A 206 -1.03 1.71 3.23
CA MET A 206 -2.25 1.78 4.03
C MET A 206 -2.79 0.36 3.92
N THR A 207 -2.89 -0.34 5.04
CA THR A 207 -3.32 -1.75 5.00
C THR A 207 -4.75 -2.04 5.37
N TRP A 208 -5.27 -3.16 4.87
CA TRP A 208 -6.64 -3.56 5.17
C TRP A 208 -6.81 -4.99 5.67
N SER A 209 -8.02 -5.30 6.17
CA SER A 209 -8.36 -6.61 6.73
C SER A 209 -7.31 -7.07 7.72
N PRO A 210 -7.08 -6.28 8.78
CA PRO A 210 -6.12 -6.54 9.86
C PRO A 210 -6.43 -7.84 10.59
N LEU A 211 -7.71 -8.22 10.56
CA LEU A 211 -8.17 -9.42 11.22
C LEU A 211 -8.53 -10.49 10.20
N ALA A 212 -8.12 -10.28 8.96
CA ALA A 212 -8.41 -11.24 7.89
C ALA A 212 -9.92 -11.51 7.87
N CYS A 213 -10.70 -10.43 7.89
CA CYS A 213 -12.17 -10.48 7.88
C CYS A 213 -12.77 -10.95 9.19
N GLY A 214 -11.94 -11.05 10.22
CA GLY A 214 -12.41 -11.49 11.52
C GLY A 214 -11.79 -12.81 11.93
N ILE A 215 -11.24 -13.54 10.96
CA ILE A 215 -10.60 -14.82 11.22
C ILE A 215 -9.58 -14.77 12.36
N VAL A 216 -8.79 -13.70 12.41
CA VAL A 216 -7.76 -13.55 13.43
C VAL A 216 -8.32 -13.14 14.79
N SER A 217 -9.64 -13.02 14.90
CA SER A 217 -10.26 -12.64 16.16
C SER A 217 -10.37 -13.88 17.04
N GLY A 218 -10.36 -15.05 16.39
CA GLY A 218 -10.44 -16.30 17.12
C GLY A 218 -11.86 -16.82 17.32
N LYS A 219 -12.86 -16.10 16.82
CA LYS A 219 -14.24 -16.53 17.02
C LYS A 219 -14.70 -17.70 16.16
N TYR A 220 -13.85 -18.14 15.24
CA TYR A 220 -14.23 -19.27 14.40
C TYR A 220 -13.52 -20.54 14.89
N ASP A 221 -13.11 -20.53 16.14
CA ASP A 221 -12.42 -21.67 16.71
C ASP A 221 -13.26 -22.93 16.60
N SER A 222 -14.48 -22.88 17.11
CA SER A 222 -15.38 -24.03 17.07
C SER A 222 -16.30 -24.10 15.85
N GLY A 223 -16.30 -23.05 15.04
CA GLY A 223 -17.16 -23.05 13.85
C GLY A 223 -17.63 -21.66 13.48
N ILE A 224 -18.58 -21.58 12.56
CA ILE A 224 -19.12 -20.30 12.09
C ILE A 224 -20.24 -19.79 13.00
N PRO A 225 -19.94 -18.79 13.84
CA PRO A 225 -20.91 -18.19 14.77
C PRO A 225 -22.06 -17.49 14.06
N PRO A 226 -23.26 -17.53 14.66
CA PRO A 226 -24.44 -16.89 14.08
C PRO A 226 -24.24 -15.37 13.98
N TYR A 227 -24.60 -14.82 12.83
CA TYR A 227 -24.48 -13.38 12.57
C TYR A 227 -23.04 -12.91 12.33
N SER A 228 -22.13 -13.85 12.12
CA SER A 228 -20.74 -13.49 11.86
C SER A 228 -20.63 -13.20 10.39
N ARG A 229 -19.57 -12.50 9.99
CA ARG A 229 -19.40 -12.16 8.58
C ARG A 229 -19.48 -13.41 7.72
N ALA A 230 -18.86 -14.49 8.18
CA ALA A 230 -18.88 -15.75 7.43
C ALA A 230 -20.29 -16.34 7.35
N SER A 231 -21.20 -15.88 8.21
CA SER A 231 -22.57 -16.39 8.20
C SER A 231 -23.48 -15.57 7.30
N LEU A 232 -23.06 -14.34 6.99
CA LEU A 232 -23.84 -13.44 6.14
C LEU A 232 -24.02 -14.03 4.75
N LYS A 233 -25.08 -13.62 4.07
CA LYS A 233 -25.35 -14.10 2.72
C LYS A 233 -24.40 -13.41 1.74
N GLY A 234 -23.90 -14.18 0.77
CA GLY A 234 -22.98 -13.61 -0.19
C GLY A 234 -21.54 -13.86 0.19
N TYR A 235 -21.32 -14.38 1.40
CA TYR A 235 -19.96 -14.65 1.88
C TYR A 235 -19.63 -16.12 2.08
N GLN A 236 -20.14 -16.99 1.21
CA GLN A 236 -19.86 -18.41 1.30
C GLN A 236 -18.38 -18.62 1.04
N TRP A 237 -17.76 -17.70 0.29
CA TRP A 237 -16.34 -17.81 -0.01
C TRP A 237 -15.52 -17.73 1.27
N LEU A 238 -15.95 -16.90 2.21
CA LEU A 238 -15.24 -16.73 3.47
C LEU A 238 -15.49 -17.94 4.36
N LYS A 239 -16.71 -18.48 4.29
CA LYS A 239 -17.06 -19.64 5.09
C LYS A 239 -16.23 -20.84 4.63
N ASP A 240 -16.05 -20.97 3.32
CA ASP A 240 -15.27 -22.07 2.78
C ASP A 240 -13.79 -21.97 3.16
N LYS A 241 -13.24 -20.76 3.19
CA LYS A 241 -11.84 -20.58 3.55
C LYS A 241 -11.58 -20.98 4.99
N ILE A 242 -12.49 -20.58 5.88
CA ILE A 242 -12.38 -20.86 7.31
C ILE A 242 -12.48 -22.35 7.64
N LEU A 243 -13.38 -23.04 6.97
CA LEU A 243 -13.61 -24.46 7.21
C LEU A 243 -12.65 -25.37 6.44
N SER A 244 -11.99 -24.82 5.43
CA SER A 244 -11.06 -25.60 4.62
C SER A 244 -9.86 -26.07 5.43
N GLU A 245 -9.06 -26.95 4.81
CA GLU A 245 -7.89 -27.51 5.45
C GLU A 245 -6.95 -26.37 5.88
N GLU A 246 -6.75 -25.40 4.98
CA GLU A 246 -5.88 -24.27 5.28
C GLU A 246 -6.49 -23.47 6.44
N GLY A 247 -7.79 -23.26 6.37
CA GLY A 247 -8.48 -22.51 7.40
C GLY A 247 -8.30 -23.11 8.78
N ARG A 248 -8.34 -24.44 8.87
CA ARG A 248 -8.18 -25.11 10.16
C ARG A 248 -6.76 -24.96 10.69
N ARG A 249 -5.77 -25.04 9.80
CA ARG A 249 -4.39 -24.90 10.25
C ARG A 249 -4.18 -23.49 10.82
N GLN A 250 -4.88 -22.52 10.25
CA GLN A 250 -4.77 -21.14 10.74
C GLN A 250 -5.35 -21.04 12.15
N GLN A 251 -6.50 -21.66 12.36
CA GLN A 251 -7.17 -21.62 13.64
C GLN A 251 -6.27 -22.27 14.70
N ALA A 252 -5.58 -23.34 14.32
CA ALA A 252 -4.70 -24.04 15.24
C ALA A 252 -3.59 -23.10 15.71
N LYS A 253 -3.04 -22.31 14.79
CA LYS A 253 -1.98 -21.38 15.15
C LYS A 253 -2.52 -20.24 16.02
N LEU A 254 -3.77 -19.85 15.79
CA LEU A 254 -4.37 -18.78 16.59
C LEU A 254 -4.51 -19.20 18.05
N LYS A 255 -4.70 -20.49 18.28
CA LYS A 255 -4.83 -20.99 19.64
C LYS A 255 -3.51 -20.73 20.38
N GLU A 256 -2.39 -20.84 19.67
CA GLU A 256 -1.08 -20.59 20.27
C GLU A 256 -0.89 -19.09 20.52
N LEU A 257 -1.36 -18.28 19.57
CA LEU A 257 -1.27 -16.83 19.67
C LEU A 257 -2.12 -16.33 20.83
N GLN A 258 -3.25 -17.00 21.05
CA GLN A 258 -4.16 -16.65 22.13
C GLN A 258 -3.43 -16.71 23.47
N ALA A 259 -2.49 -17.64 23.58
CA ALA A 259 -1.72 -17.81 24.81
C ALA A 259 -0.77 -16.63 24.99
N ILE A 260 -0.25 -16.11 23.88
CA ILE A 260 0.65 -14.97 23.94
C ILE A 260 -0.16 -13.73 24.32
N ALA A 261 -1.39 -13.66 23.82
CA ALA A 261 -2.27 -12.54 24.11
C ALA A 261 -2.59 -12.48 25.60
N GLU A 262 -3.03 -13.60 26.15
CA GLU A 262 -3.36 -13.65 27.58
C GLU A 262 -2.13 -13.29 28.40
N ARG A 263 -0.96 -13.71 27.94
CA ARG A 263 0.28 -13.41 28.64
C ARG A 263 0.53 -11.91 28.71
N LEU A 264 0.15 -11.20 27.65
CA LEU A 264 0.35 -9.76 27.58
C LEU A 264 -0.80 -8.96 28.17
N GLY A 265 -1.88 -9.65 28.52
CA GLY A 265 -3.03 -8.99 29.08
C GLY A 265 -3.91 -8.25 28.09
N CYS A 266 -3.97 -8.75 26.85
CA CYS A 266 -4.79 -8.13 25.81
C CYS A 266 -5.59 -9.24 25.14
N THR A 267 -6.43 -8.89 24.17
CA THR A 267 -7.20 -9.90 23.45
C THR A 267 -6.47 -10.21 22.16
N LEU A 268 -6.88 -11.28 21.49
CA LEU A 268 -6.24 -11.68 20.24
C LEU A 268 -6.34 -10.59 19.16
N PRO A 269 -7.53 -9.99 18.98
CA PRO A 269 -7.70 -8.93 17.98
C PRO A 269 -6.77 -7.75 18.22
N GLN A 270 -6.60 -7.37 19.48
CA GLN A 270 -5.73 -6.24 19.83
C GLN A 270 -4.28 -6.60 19.53
N LEU A 271 -3.93 -7.86 19.76
CA LEU A 271 -2.58 -8.33 19.48
C LEU A 271 -2.32 -8.28 17.99
N ALA A 272 -3.28 -8.79 17.23
CA ALA A 272 -3.20 -8.85 15.77
C ALA A 272 -3.05 -7.47 15.14
N ILE A 273 -3.81 -6.51 15.64
CA ILE A 273 -3.77 -5.14 15.13
C ILE A 273 -2.50 -4.41 15.55
N ALA A 274 -2.09 -4.59 16.81
CA ALA A 274 -0.87 -3.94 17.29
C ALA A 274 0.29 -4.50 16.48
N TRP A 275 0.22 -5.80 16.21
CA TRP A 275 1.24 -6.49 15.42
C TRP A 275 1.39 -5.81 14.05
N CYS A 276 0.26 -5.45 13.44
CA CYS A 276 0.27 -4.78 12.13
C CYS A 276 0.95 -3.43 12.14
N LEU A 277 0.89 -2.73 13.28
CA LEU A 277 1.50 -1.41 13.40
C LEU A 277 2.91 -1.44 13.99
N ARG A 278 3.40 -2.63 14.32
CA ARG A 278 4.72 -2.75 14.93
C ARG A 278 5.84 -2.13 14.09
N ASN A 279 5.71 -2.15 12.77
CA ASN A 279 6.76 -1.57 11.93
C ASN A 279 6.32 -0.25 11.28
N GLU A 280 7.26 0.70 11.26
CA GLU A 280 7.00 2.02 10.71
C GLU A 280 6.59 2.00 9.23
N GLY A 281 6.90 0.91 8.54
CA GLY A 281 6.54 0.82 7.14
C GLY A 281 5.06 1.03 6.84
N VAL A 282 4.21 0.77 7.83
CA VAL A 282 2.77 0.93 7.67
C VAL A 282 2.33 2.30 8.19
N SER A 283 1.70 3.09 7.32
CA SER A 283 1.23 4.44 7.69
C SER A 283 -0.04 4.36 8.51
N SER A 284 -0.96 3.50 8.10
CA SER A 284 -2.22 3.36 8.82
C SER A 284 -2.85 1.98 8.57
N VAL A 285 -3.65 1.54 9.53
CA VAL A 285 -4.32 0.26 9.43
C VAL A 285 -5.82 0.50 9.44
N LEU A 286 -6.49 0.04 8.39
CA LEU A 286 -7.93 0.21 8.28
C LEU A 286 -8.72 -0.85 9.05
N LEU A 287 -9.43 -0.42 10.09
CA LEU A 287 -10.22 -1.32 10.91
C LEU A 287 -11.58 -1.61 10.30
N GLY A 288 -12.22 -2.65 10.81
CA GLY A 288 -13.54 -3.05 10.38
C GLY A 288 -14.27 -3.44 11.66
N ALA A 289 -15.53 -3.04 11.80
CA ALA A 289 -16.29 -3.37 13.00
C ALA A 289 -17.80 -3.32 12.77
N SER A 290 -18.52 -4.24 13.41
CA SER A 290 -19.96 -4.28 13.28
C SER A 290 -20.64 -3.95 14.61
N ASN A 291 -19.84 -3.80 15.66
CA ASN A 291 -20.33 -3.49 17.01
C ASN A 291 -19.44 -2.39 17.56
N ALA A 292 -19.93 -1.66 18.55
CA ALA A 292 -19.14 -0.62 19.17
C ALA A 292 -18.16 -1.31 20.12
N GLU A 293 -18.53 -2.50 20.60
CA GLU A 293 -17.66 -3.26 21.49
C GLU A 293 -16.39 -3.61 20.71
N GLN A 294 -16.57 -4.13 19.51
CA GLN A 294 -15.46 -4.48 18.65
C GLN A 294 -14.53 -3.29 18.40
N LEU A 295 -15.11 -2.16 17.99
CA LEU A 295 -14.31 -0.97 17.69
C LEU A 295 -13.45 -0.52 18.87
N MET A 296 -14.05 -0.32 20.04
CA MET A 296 -13.27 0.13 21.18
C MET A 296 -12.21 -0.88 21.59
N GLU A 297 -12.49 -2.17 21.42
CA GLU A 297 -11.51 -3.19 21.73
C GLU A 297 -10.36 -3.05 20.75
N ASN A 298 -10.70 -2.92 19.47
CA ASN A 298 -9.71 -2.77 18.41
C ASN A 298 -8.83 -1.55 18.62
N ILE A 299 -9.43 -0.41 18.98
CA ILE A 299 -8.64 0.80 19.23
C ILE A 299 -7.73 0.59 20.43
N GLY A 300 -8.13 -0.31 21.32
CA GLY A 300 -7.32 -0.58 22.50
C GLY A 300 -6.00 -1.22 22.11
N ALA A 301 -5.88 -1.62 20.85
CA ALA A 301 -4.65 -2.26 20.36
C ALA A 301 -3.45 -1.34 20.49
N ILE A 302 -3.69 -0.04 20.42
CA ILE A 302 -2.61 0.93 20.53
C ILE A 302 -1.82 0.79 21.83
N GLN A 303 -2.51 0.42 22.90
CA GLN A 303 -1.87 0.25 24.20
C GLN A 303 -0.99 -0.99 24.24
N VAL A 304 -1.36 -2.00 23.46
CA VAL A 304 -0.61 -3.25 23.40
C VAL A 304 0.74 -3.11 22.72
N LEU A 305 0.83 -2.15 21.80
CA LEU A 305 2.04 -1.90 21.03
C LEU A 305 3.38 -1.94 21.80
N PRO A 306 3.48 -1.20 22.92
CA PRO A 306 4.72 -1.19 23.69
C PRO A 306 5.16 -2.54 24.29
N LYS A 307 4.23 -3.50 24.31
CA LYS A 307 4.52 -4.83 24.85
C LYS A 307 5.16 -5.75 23.81
N LEU A 308 4.98 -5.43 22.53
CA LEU A 308 5.55 -6.24 21.46
C LEU A 308 7.06 -6.16 21.41
N SER A 309 7.71 -6.78 22.39
CA SER A 309 9.16 -6.78 22.45
C SER A 309 9.71 -7.60 21.29
N SER A 310 11.01 -7.52 21.08
CA SER A 310 11.65 -8.26 20.00
C SER A 310 11.48 -9.76 20.24
N SER A 311 11.43 -10.15 21.52
CA SER A 311 11.27 -11.55 21.88
C SER A 311 9.85 -12.00 21.53
N ILE A 312 8.87 -11.16 21.86
CA ILE A 312 7.47 -11.46 21.56
C ILE A 312 7.26 -11.59 20.06
N VAL A 313 7.84 -10.68 19.30
CA VAL A 313 7.71 -10.71 17.84
C VAL A 313 8.31 -11.99 17.27
N HIS A 314 9.51 -12.34 17.73
CA HIS A 314 10.16 -13.55 17.24
C HIS A 314 9.34 -14.78 17.62
N GLU A 315 8.69 -14.70 18.78
CA GLU A 315 7.87 -15.79 19.27
C GLU A 315 6.67 -15.96 18.32
N ILE A 316 6.08 -14.85 17.91
CA ILE A 316 4.96 -14.90 16.99
C ILE A 316 5.37 -15.41 15.61
N ASP A 317 6.59 -15.10 15.16
CA ASP A 317 7.04 -15.60 13.86
C ASP A 317 7.25 -17.10 13.92
N SER A 318 7.70 -17.59 15.08
CA SER A 318 7.94 -19.01 15.26
C SER A 318 6.65 -19.81 15.14
N ILE A 319 5.57 -19.30 15.71
CA ILE A 319 4.30 -20.03 15.62
C ILE A 319 3.68 -19.89 14.23
N LEU A 320 3.80 -18.70 13.63
CA LEU A 320 3.23 -18.47 12.31
C LEU A 320 4.00 -19.21 11.21
N GLY A 321 5.33 -19.24 11.34
CA GLY A 321 6.16 -19.90 10.36
C GLY A 321 6.05 -19.35 8.96
N ASN A 322 5.66 -18.08 8.82
CA ASN A 322 5.51 -17.48 7.50
C ASN A 322 6.28 -16.17 7.33
N LYS A 323 7.35 -15.98 8.10
CA LYS A 323 8.12 -14.75 7.97
C LYS A 323 8.70 -14.69 6.56
N PRO A 324 8.34 -13.66 5.78
CA PRO A 324 8.81 -13.47 4.40
C PRO A 324 10.31 -13.24 4.27
N TYR A 325 10.88 -13.66 3.15
CA TYR A 325 12.30 -13.50 2.87
C TYR A 325 12.50 -12.26 1.98
N SER A 326 13.26 -11.28 2.47
CA SER A 326 13.49 -10.04 1.71
C SER A 326 14.55 -10.00 0.57
N CYS B 10 11.18 -3.88 -22.24
CA CYS B 10 11.63 -4.07 -20.85
C CYS B 10 11.88 -2.73 -20.12
N GLU B 11 11.66 -2.74 -18.80
CA GLU B 11 11.86 -1.54 -18.00
C GLU B 11 13.23 -0.93 -18.22
N ARG B 12 13.26 0.37 -18.43
CA ARG B 12 14.51 1.08 -18.65
C ARG B 12 14.95 1.90 -17.45
N VAL B 13 16.24 2.19 -17.40
CA VAL B 13 16.84 2.96 -16.31
C VAL B 13 17.67 4.10 -16.90
N VAL B 14 17.58 5.28 -16.28
CA VAL B 14 18.34 6.42 -16.74
C VAL B 14 19.46 6.74 -15.73
N ILE B 15 20.67 6.89 -16.25
CA ILE B 15 21.82 7.20 -15.40
C ILE B 15 22.41 8.53 -15.84
N ASN B 16 22.39 9.50 -14.92
CA ASN B 16 22.88 10.86 -15.16
C ASN B 16 24.30 11.02 -14.62
N ILE B 17 25.28 11.12 -15.52
CA ILE B 17 26.67 11.28 -15.11
C ILE B 17 27.08 12.73 -15.32
N SER B 18 27.10 13.51 -14.24
CA SER B 18 27.46 14.92 -14.31
C SER B 18 26.75 15.67 -15.42
N GLY B 19 25.47 15.35 -15.63
CA GLY B 19 24.71 16.03 -16.66
C GLY B 19 24.52 15.26 -17.95
N LEU B 20 25.35 14.24 -18.18
CA LEU B 20 25.28 13.43 -19.40
C LEU B 20 24.41 12.23 -19.11
N ARG B 21 23.26 12.15 -19.76
CA ARG B 21 22.35 11.05 -19.50
C ARG B 21 22.54 9.82 -20.38
N PHE B 22 22.55 8.66 -19.72
CA PHE B 22 22.68 7.38 -20.40
C PHE B 22 21.41 6.63 -20.07
N GLU B 23 20.90 5.83 -21.01
CA GLU B 23 19.70 5.03 -20.77
C GLU B 23 19.95 3.61 -21.23
N THR B 24 19.53 2.65 -20.43
CA THR B 24 19.71 1.25 -20.79
C THR B 24 18.58 0.45 -20.13
N GLN B 25 18.41 -0.79 -20.54
CA GLN B 25 17.39 -1.64 -19.97
C GLN B 25 17.85 -2.19 -18.63
N LEU B 26 16.93 -2.28 -17.67
CA LEU B 26 17.27 -2.81 -16.36
C LEU B 26 17.90 -4.20 -16.48
N LYS B 27 17.43 -4.99 -17.44
CA LYS B 27 17.97 -6.34 -17.59
C LYS B 27 19.41 -6.32 -18.05
N THR B 28 19.81 -5.23 -18.69
CA THR B 28 21.18 -5.09 -19.16
C THR B 28 22.11 -4.98 -17.96
N LEU B 29 21.67 -4.22 -16.95
CA LEU B 29 22.46 -4.03 -15.73
C LEU B 29 22.39 -5.28 -14.83
N ALA B 30 21.22 -5.91 -14.78
CA ALA B 30 21.01 -7.09 -13.96
C ALA B 30 21.93 -8.26 -14.35
N GLN B 31 22.54 -8.15 -15.52
CA GLN B 31 23.44 -9.16 -16.07
C GLN B 31 24.71 -9.29 -15.21
N PHE B 32 24.85 -8.38 -14.25
CA PHE B 32 25.98 -8.37 -13.30
C PHE B 32 25.42 -7.79 -12.01
N PRO B 33 24.69 -8.63 -11.25
CA PRO B 33 24.00 -8.40 -9.98
C PRO B 33 24.84 -7.88 -8.81
N ASN B 34 26.14 -8.15 -8.84
CA ASN B 34 27.00 -7.72 -7.74
C ASN B 34 27.76 -6.41 -7.97
N THR B 35 27.67 -5.86 -9.18
CA THR B 35 28.34 -4.60 -9.47
C THR B 35 27.48 -3.51 -8.82
N LEU B 36 27.99 -2.28 -8.74
CA LEU B 36 27.23 -1.21 -8.10
C LEU B 36 25.91 -0.89 -8.81
N LEU B 37 25.94 -0.76 -10.12
CA LEU B 37 24.74 -0.43 -10.89
C LEU B 37 23.79 -1.61 -11.01
N GLY B 38 24.32 -2.82 -10.89
CA GLY B 38 23.51 -4.02 -11.01
C GLY B 38 22.86 -4.47 -9.72
N ASN B 39 23.29 -3.93 -8.60
CA ASN B 39 22.71 -4.30 -7.31
C ASN B 39 21.77 -3.19 -6.84
N PRO B 40 20.47 -3.49 -6.69
CA PRO B 40 19.46 -2.51 -6.26
C PRO B 40 19.86 -1.80 -4.98
N LYS B 41 20.46 -2.54 -4.05
CA LYS B 41 20.86 -1.94 -2.80
C LYS B 41 22.06 -1.02 -2.95
N LYS B 42 22.96 -1.32 -3.87
CA LYS B 42 24.13 -0.46 -4.01
C LYS B 42 23.85 0.85 -4.75
N ARG B 43 22.96 0.81 -5.74
CA ARG B 43 22.66 2.01 -6.52
C ARG B 43 21.56 2.88 -5.92
N MET B 44 20.81 2.31 -4.97
CA MET B 44 19.70 3.01 -4.31
C MET B 44 20.06 4.41 -3.82
N ARG B 45 21.21 4.51 -3.19
CA ARG B 45 21.73 5.75 -2.64
C ARG B 45 21.81 6.90 -3.67
N TYR B 46 21.98 6.55 -4.94
CA TYR B 46 22.11 7.55 -5.98
C TYR B 46 20.85 7.92 -6.75
N PHE B 47 19.72 7.35 -6.35
CA PHE B 47 18.45 7.61 -7.04
C PHE B 47 17.91 9.00 -6.75
N ASP B 48 17.39 9.67 -7.79
CA ASP B 48 16.80 11.00 -7.66
C ASP B 48 15.31 10.83 -7.96
N PRO B 49 14.45 10.86 -6.93
CA PRO B 49 13.01 10.70 -7.07
C PRO B 49 12.35 11.79 -7.92
N LEU B 50 12.95 12.97 -7.95
CA LEU B 50 12.39 14.08 -8.72
C LEU B 50 12.50 13.90 -10.22
N ARG B 51 13.56 13.23 -10.69
CA ARG B 51 13.73 13.06 -12.13
C ARG B 51 13.69 11.60 -12.59
N ASN B 52 13.52 10.68 -11.65
CA ASN B 52 13.51 9.25 -11.95
C ASN B 52 14.76 8.84 -12.72
N GLU B 53 15.91 9.05 -12.07
CA GLU B 53 17.20 8.70 -12.64
C GLU B 53 18.20 8.59 -11.52
N TYR B 54 19.31 7.91 -11.79
CA TYR B 54 20.37 7.78 -10.79
C TYR B 54 21.41 8.83 -11.17
N PHE B 55 21.91 9.56 -10.19
CA PHE B 55 22.88 10.62 -10.45
C PHE B 55 24.27 10.38 -9.87
N PHE B 56 25.29 10.52 -10.71
CA PHE B 56 26.67 10.35 -10.25
C PHE B 56 27.46 11.59 -10.63
N ASP B 57 28.05 12.24 -9.63
CA ASP B 57 28.85 13.44 -9.85
C ASP B 57 30.26 12.93 -10.17
N ARG B 58 30.36 12.25 -11.30
CA ARG B 58 31.62 11.65 -11.76
C ARG B 58 32.04 11.97 -13.20
N ASN B 59 33.19 11.40 -13.56
CA ASN B 59 33.80 11.57 -14.86
C ASN B 59 32.91 11.06 -15.99
N ARG B 60 32.67 11.93 -16.96
CA ARG B 60 31.81 11.65 -18.10
C ARG B 60 32.39 10.74 -19.18
N PRO B 61 33.59 11.05 -19.68
CA PRO B 61 34.23 10.25 -20.73
C PRO B 61 34.35 8.76 -20.41
N SER B 62 34.52 8.45 -19.14
CA SER B 62 34.66 7.05 -18.72
C SER B 62 33.38 6.23 -18.77
N PHE B 63 32.23 6.86 -18.55
CA PHE B 63 31.00 6.07 -18.50
C PHE B 63 30.64 5.29 -19.75
N ASP B 64 31.03 5.77 -20.93
CA ASP B 64 30.73 5.02 -22.16
C ASP B 64 31.28 3.61 -22.07
N ALA B 65 32.50 3.49 -21.55
CA ALA B 65 33.15 2.20 -21.39
C ALA B 65 32.44 1.40 -20.29
N ILE B 66 31.98 2.09 -19.26
CA ILE B 66 31.27 1.43 -18.16
C ILE B 66 29.97 0.81 -18.69
N LEU B 67 29.22 1.56 -19.48
CA LEU B 67 27.96 1.04 -20.02
C LEU B 67 28.24 -0.06 -21.04
N TYR B 68 29.28 0.13 -21.84
CA TYR B 68 29.60 -0.88 -22.85
C TYR B 68 29.91 -2.21 -22.17
N TYR B 69 30.44 -2.15 -20.96
CA TYR B 69 30.76 -3.35 -20.20
C TYR B 69 29.51 -4.23 -20.08
N TYR B 70 28.38 -3.60 -19.73
CA TYR B 70 27.13 -4.34 -19.56
C TYR B 70 26.53 -4.76 -20.90
N GLN B 71 26.49 -3.84 -21.85
CA GLN B 71 25.92 -4.12 -23.17
C GLN B 71 26.69 -5.19 -23.94
N SER B 72 28.00 -5.27 -23.72
CA SER B 72 28.83 -6.25 -24.43
C SER B 72 28.94 -7.59 -23.71
N GLY B 73 28.34 -7.68 -22.53
CA GLY B 73 28.40 -8.93 -21.79
C GLY B 73 29.66 -9.08 -20.96
N GLY B 74 30.42 -8.01 -20.77
CA GLY B 74 31.61 -8.12 -19.97
C GLY B 74 32.90 -7.56 -20.55
N ARG B 75 32.85 -6.95 -21.72
CA ARG B 75 34.06 -6.39 -22.31
C ARG B 75 34.39 -5.07 -21.61
N LEU B 76 35.63 -4.98 -21.11
CA LEU B 76 36.08 -3.78 -20.43
C LEU B 76 37.18 -3.10 -21.24
N ARG B 77 36.84 -2.13 -22.10
CA ARG B 77 37.81 -1.47 -22.95
C ARG B 77 38.04 -0.04 -22.44
N ARG B 78 39.26 0.35 -22.26
CA ARG B 78 39.52 1.73 -21.79
C ARG B 78 39.40 2.68 -22.98
N PRO B 79 38.54 3.73 -22.87
CA PRO B 79 38.45 4.67 -24.01
C PRO B 79 39.80 5.33 -24.31
N VAL B 80 40.10 5.49 -25.61
CA VAL B 80 41.38 6.09 -26.03
C VAL B 80 41.68 7.43 -25.36
N ASN B 81 40.65 8.25 -25.17
CA ASN B 81 40.80 9.56 -24.56
C ASN B 81 40.79 9.59 -23.03
N VAL B 82 40.78 8.43 -22.39
CA VAL B 82 40.75 8.38 -20.93
C VAL B 82 42.05 7.81 -20.37
N PRO B 83 42.75 8.58 -19.52
CA PRO B 83 44.02 8.16 -18.92
C PRO B 83 43.87 6.84 -18.17
N LEU B 84 44.95 6.08 -18.09
CA LEU B 84 44.92 4.78 -17.42
C LEU B 84 44.52 4.88 -15.95
N ASP B 85 45.12 5.80 -15.21
CA ASP B 85 44.81 5.93 -13.79
C ASP B 85 43.36 6.35 -13.53
N MET B 86 42.81 7.20 -14.38
CA MET B 86 41.44 7.66 -14.19
C MET B 86 40.45 6.52 -14.43
N PHE B 87 40.70 5.74 -15.47
CA PHE B 87 39.81 4.62 -15.79
C PHE B 87 39.81 3.56 -14.69
N SER B 88 40.97 3.29 -14.09
CA SER B 88 41.04 2.28 -13.03
C SER B 88 40.20 2.69 -11.83
N GLU B 89 40.15 3.99 -11.55
CA GLU B 89 39.37 4.49 -10.41
C GLU B 89 37.89 4.28 -10.64
N GLU B 90 37.45 4.45 -11.88
CA GLU B 90 36.04 4.26 -12.22
C GLU B 90 35.68 2.78 -12.15
N ILE B 91 36.57 1.92 -12.64
CA ILE B 91 36.31 0.48 -12.60
C ILE B 91 36.11 0.08 -11.14
N LYS B 92 36.95 0.62 -10.26
CA LYS B 92 36.86 0.31 -8.84
C LYS B 92 35.56 0.83 -8.24
N PHE B 93 35.20 2.08 -8.52
CA PHE B 93 33.97 2.63 -7.97
C PHE B 93 32.74 1.84 -8.42
N TYR B 94 32.64 1.57 -9.72
CA TYR B 94 31.48 0.83 -10.21
C TYR B 94 31.57 -0.65 -9.92
N GLU B 95 32.68 -1.05 -9.30
CA GLU B 95 32.92 -2.45 -8.91
C GLU B 95 32.84 -3.44 -10.07
N LEU B 96 33.55 -3.16 -11.16
CA LEU B 96 33.52 -4.04 -12.30
C LEU B 96 34.63 -5.10 -12.24
N GLY B 97 34.27 -6.33 -12.61
CA GLY B 97 35.23 -7.41 -12.60
C GLY B 97 35.64 -7.75 -14.02
N GLU B 98 36.76 -8.45 -14.18
CA GLU B 98 37.23 -8.84 -15.51
C GLU B 98 37.17 -10.35 -15.68
N GLU B 99 37.56 -11.04 -14.61
CA GLU B 99 37.58 -12.50 -14.50
C GLU B 99 36.31 -13.18 -15.04
N ALA B 100 36.42 -13.95 -16.13
CA ALA B 100 35.33 -14.74 -16.75
C ALA B 100 35.89 -16.10 -16.51
#